data_8GUH
#
_entry.id   8GUH
#
_cell.length_a   61.321
_cell.length_b   61.321
_cell.length_c   208.573
_cell.angle_alpha   90.000
_cell.angle_beta   90.000
_cell.angle_gamma   90.000
#
_symmetry.space_group_name_H-M   'P 41 21 2'
#
loop_
_entity.id
_entity.type
_entity.pdbx_description
1 polymer 'Serine palmitoyltransferase'
2 non-polymer '[4-[[[2-(hydroxymethyl)-1,3-bis(oxidanyl)propan-2-yl]amino]methyl]-6-methyl-5-oxidanyl-pyridin-3-yl]methyl dihydrogen phosphate'
3 non-polymer 1,2-ETHANEDIOL
4 water water
#
_entity_poly.entity_id   1
_entity_poly.type   'polypeptide(L)'
_entity_poly.pdbx_seq_one_letter_code
;MSKGKLGEKISQFKIVEELKAKGLYAYFRPIQSKQDTEVKIDGRRVLMFGSNSYLGLTTDTRIIKAAQDALEKYGTGCAG
SRFLNGTLDIHVELEEKLSAYVGKEAAILFSTGFQSNLGPLSCLMGRNDYILLDERDHASIIDGSRLSFSKVIKYGHNNM
EDLRAKLSRLPEDSAKLICTDGIFSMEGDIVNLPELTSIANEFDAAVMVDDAHSLGVIGHKGAGTASHFGLNDDVDLIMG
TFSKSLASLGGFVAGDADVIDFLKHNARSVMFSASMTPASVASTLKALEIIQNEPEHIEKLWKNTDYAKAQLLDHGFDLG
ATESPILPIFIRSNEKTFWVTKMLQDDGVFVNPVVSPAVPAEESLIRFSLMATHTYDQIDEAIEKMVKVFKQAEVETLI
;
_entity_poly.pdbx_strand_id   A
#
# COMPACT_ATOMS: atom_id res chain seq x y z
N SER A 2 10.85 -18.50 -29.83
CA SER A 2 9.88 -19.40 -30.51
C SER A 2 8.65 -19.56 -29.62
N LYS A 3 7.47 -19.79 -30.20
CA LYS A 3 6.22 -19.51 -29.45
C LYS A 3 5.32 -20.74 -29.23
N GLY A 4 5.67 -21.94 -29.68
CA GLY A 4 4.74 -23.09 -29.52
C GLY A 4 4.36 -23.30 -28.07
N LYS A 5 5.34 -23.55 -27.19
CA LYS A 5 5.09 -23.94 -25.78
C LYS A 5 4.57 -22.72 -25.03
N LEU A 6 5.11 -21.54 -25.32
CA LEU A 6 4.64 -20.27 -24.70
C LEU A 6 3.18 -20.00 -25.01
N GLY A 7 2.73 -20.29 -26.25
CA GLY A 7 1.32 -20.18 -26.62
C GLY A 7 0.45 -21.09 -25.78
N GLU A 8 0.90 -22.32 -25.52
CA GLU A 8 0.16 -23.28 -24.66
C GLU A 8 0.11 -22.73 -23.22
N LYS A 9 1.21 -22.14 -22.72
CA LYS A 9 1.25 -21.63 -21.32
C LYS A 9 0.16 -20.58 -21.08
N ILE A 10 -0.18 -19.73 -22.06
CA ILE A 10 -1.14 -18.60 -21.85
C ILE A 10 -2.53 -18.96 -22.39
N SER A 11 -2.70 -20.16 -22.96
CA SER A 11 -3.90 -20.56 -23.78
C SER A 11 -5.17 -20.58 -22.96
N GLN A 12 -5.07 -21.01 -21.69
CA GLN A 12 -6.18 -21.21 -20.72
C GLN A 12 -6.63 -19.89 -20.09
N PHE A 13 -5.89 -18.82 -20.29
CA PHE A 13 -6.26 -17.52 -19.65
C PHE A 13 -7.30 -16.84 -20.53
N LYS A 14 -8.57 -17.05 -20.19
CA LYS A 14 -9.68 -16.58 -21.06
C LYS A 14 -10.54 -15.50 -20.37
N ILE A 15 -10.33 -15.18 -19.11
CA ILE A 15 -11.26 -14.27 -18.35
C ILE A 15 -11.26 -12.88 -19.00
N VAL A 16 -10.14 -12.37 -19.46
CA VAL A 16 -10.11 -11.01 -20.02
C VAL A 16 -10.91 -10.97 -21.33
N GLU A 17 -10.69 -11.95 -22.22
N GLU A 17 -10.74 -11.93 -22.24
CA GLU A 17 -11.47 -12.18 -23.46
CA GLU A 17 -11.52 -11.94 -23.50
C GLU A 17 -12.97 -12.14 -23.14
C GLU A 17 -13.01 -12.13 -23.16
N GLU A 18 -13.34 -12.91 -22.13
CA GLU A 18 -14.76 -13.08 -21.74
C GLU A 18 -15.34 -11.77 -21.19
N LEU A 19 -14.64 -11.11 -20.26
CA LEU A 19 -15.08 -9.81 -19.73
C LEU A 19 -15.31 -8.84 -20.89
N LYS A 20 -14.36 -8.73 -21.82
CA LYS A 20 -14.44 -7.74 -22.92
C LYS A 20 -15.64 -8.06 -23.81
N ALA A 21 -15.87 -9.34 -24.09
CA ALA A 21 -16.91 -9.76 -25.06
C ALA A 21 -18.30 -9.53 -24.43
N LYS A 22 -18.40 -9.72 -23.11
CA LYS A 22 -19.62 -9.42 -22.31
C LYS A 22 -19.82 -7.92 -22.08
N GLY A 23 -18.81 -7.09 -22.34
CA GLY A 23 -18.94 -5.64 -22.15
C GLY A 23 -18.76 -5.29 -20.68
N LEU A 24 -18.03 -6.12 -19.94
CA LEU A 24 -17.87 -5.94 -18.47
C LEU A 24 -16.46 -5.47 -18.11
N TYR A 25 -15.56 -5.37 -19.06
CA TYR A 25 -14.12 -5.18 -18.75
C TYR A 25 -13.93 -3.77 -18.23
N ALA A 26 -13.32 -3.62 -17.05
CA ALA A 26 -13.13 -2.28 -16.43
C ALA A 26 -11.75 -2.19 -15.79
N TYR A 27 -10.76 -2.95 -16.29
CA TYR A 27 -9.36 -2.84 -15.84
C TYR A 27 -8.63 -1.86 -16.78
N PHE A 28 -7.57 -1.23 -16.29
CA PHE A 28 -6.69 -0.31 -17.06
C PHE A 28 -7.54 0.82 -17.69
N ARG A 29 -8.60 1.26 -16.98
CA ARG A 29 -9.45 2.38 -17.44
C ARG A 29 -8.55 3.60 -17.66
N PRO A 30 -8.42 4.11 -18.90
CA PRO A 30 -7.54 5.24 -19.18
C PRO A 30 -8.07 6.61 -18.70
N ILE A 31 -7.45 7.11 -17.64
CA ILE A 31 -7.80 8.42 -17.04
C ILE A 31 -7.07 9.52 -17.81
N GLN A 32 -7.75 10.66 -18.00
CA GLN A 32 -7.30 11.73 -18.91
C GLN A 32 -6.95 13.00 -18.14
N SER A 33 -6.96 12.91 -16.81
CA SER A 33 -6.92 14.07 -15.89
C SER A 33 -6.09 13.70 -14.69
N LYS A 34 -5.86 14.68 -13.82
N LYS A 34 -5.85 14.67 -13.81
CA LYS A 34 -5.29 14.46 -12.48
CA LYS A 34 -5.13 14.39 -12.55
C LYS A 34 -6.05 13.34 -11.75
C LYS A 34 -6.01 13.47 -11.67
N GLN A 35 -5.34 12.61 -10.90
CA GLN A 35 -5.99 11.75 -9.89
C GLN A 35 -6.59 12.71 -8.88
N ASP A 36 -7.92 12.70 -8.74
CA ASP A 36 -8.66 13.65 -7.87
C ASP A 36 -9.96 12.96 -7.49
N THR A 37 -10.80 13.65 -6.75
CA THR A 37 -12.12 13.15 -6.30
C THR A 37 -13.04 12.94 -7.50
N GLU A 38 -12.83 13.67 -8.60
CA GLU A 38 -13.41 13.35 -9.94
C GLU A 38 -12.27 13.22 -10.95
N VAL A 39 -12.38 12.21 -11.82
CA VAL A 39 -11.41 11.94 -12.91
C VAL A 39 -12.21 11.98 -14.22
N LYS A 40 -11.53 12.25 -15.31
CA LYS A 40 -12.09 12.24 -16.68
C LYS A 40 -11.71 10.92 -17.32
N ILE A 41 -12.71 10.17 -17.79
CA ILE A 41 -12.45 8.93 -18.57
C ILE A 41 -13.32 9.00 -19.80
N ASP A 42 -12.74 8.87 -20.99
CA ASP A 42 -13.51 8.92 -22.26
C ASP A 42 -14.31 10.22 -22.30
N GLY A 43 -13.73 11.31 -21.83
CA GLY A 43 -14.25 12.70 -21.90
C GLY A 43 -15.33 12.99 -20.85
N ARG A 44 -15.70 11.98 -20.03
N ARG A 44 -15.75 12.00 -20.03
CA ARG A 44 -16.79 12.05 -19.02
CA ARG A 44 -16.83 12.21 -19.03
C ARG A 44 -16.20 12.27 -17.62
C ARG A 44 -16.31 12.07 -17.59
N ARG A 45 -17.00 12.76 -16.68
CA ARG A 45 -16.56 12.90 -15.27
C ARG A 45 -17.03 11.68 -14.46
N VAL A 46 -16.12 11.20 -13.62
CA VAL A 46 -16.30 9.95 -12.84
C VAL A 46 -15.83 10.23 -11.41
N LEU A 47 -16.64 9.89 -10.42
CA LEU A 47 -16.28 10.05 -9.01
C LEU A 47 -15.28 8.96 -8.68
N MET A 48 -14.16 9.32 -8.08
CA MET A 48 -13.04 8.36 -7.81
C MET A 48 -13.14 7.89 -6.34
N PHE A 49 -13.58 6.66 -6.12
CA PHE A 49 -13.56 6.02 -4.79
C PHE A 49 -12.70 4.76 -4.81
N GLY A 50 -11.73 4.76 -5.72
CA GLY A 50 -10.83 3.62 -5.96
C GLY A 50 -9.37 4.01 -5.84
N SER A 51 -9.02 5.11 -5.17
CA SER A 51 -7.64 5.65 -5.14
C SER A 51 -6.94 5.27 -3.83
N ASN A 52 -5.63 5.38 -3.82
CA ASN A 52 -4.83 5.30 -2.58
C ASN A 52 -4.27 6.66 -2.20
N SER A 53 -4.64 7.74 -2.91
CA SER A 53 -4.19 9.08 -2.51
C SER A 53 -4.98 9.58 -1.32
N TYR A 54 -4.78 9.00 -0.13
CA TYR A 54 -5.67 9.21 1.03
C TYR A 54 -5.81 10.68 1.41
N LEU A 55 -4.80 11.48 1.20
CA LEU A 55 -4.85 12.91 1.61
C LEU A 55 -5.15 13.84 0.41
N GLY A 56 -5.43 13.31 -0.79
CA GLY A 56 -5.77 14.13 -1.97
C GLY A 56 -4.61 14.98 -2.47
N LEU A 57 -3.37 14.64 -2.10
CA LEU A 57 -2.23 15.56 -2.29
C LEU A 57 -1.61 15.49 -3.70
N THR A 58 -2.03 14.59 -4.61
CA THR A 58 -1.39 14.61 -5.95
C THR A 58 -1.74 15.89 -6.71
N THR A 59 -2.75 16.66 -6.29
CA THR A 59 -3.19 17.90 -7.00
C THR A 59 -2.68 19.16 -6.27
N ASP A 60 -2.01 19.00 -5.15
CA ASP A 60 -1.57 20.13 -4.30
C ASP A 60 -0.57 20.93 -5.12
N THR A 61 -0.89 22.18 -5.43
CA THR A 61 -0.04 23.07 -6.28
C THR A 61 1.37 23.24 -5.70
N ARG A 62 1.58 23.18 -4.38
CA ARG A 62 2.94 23.33 -3.76
C ARG A 62 3.78 22.11 -4.08
N ILE A 63 3.14 20.94 -4.12
CA ILE A 63 3.87 19.67 -4.39
C ILE A 63 4.19 19.63 -5.88
N ILE A 64 3.26 20.06 -6.71
CA ILE A 64 3.48 20.12 -8.19
C ILE A 64 4.66 21.07 -8.44
N LYS A 65 4.65 22.24 -7.80
CA LYS A 65 5.70 23.27 -8.02
C LYS A 65 7.03 22.72 -7.53
N ALA A 66 7.07 22.04 -6.38
CA ALA A 66 8.30 21.45 -5.86
C ALA A 66 8.89 20.47 -6.88
N ALA A 67 8.05 19.62 -7.46
CA ALA A 67 8.48 18.65 -8.49
C ALA A 67 8.98 19.40 -9.73
N GLN A 68 8.24 20.43 -10.17
CA GLN A 68 8.60 21.22 -11.37
C GLN A 68 9.94 21.92 -11.13
N ASP A 69 10.15 22.47 -9.92
CA ASP A 69 11.43 23.13 -9.55
C ASP A 69 12.57 22.11 -9.51
N ALA A 70 12.32 20.88 -9.07
CA ALA A 70 13.40 19.85 -9.02
C ALA A 70 13.80 19.45 -10.44
N LEU A 71 12.83 19.35 -11.34
CA LEU A 71 13.12 19.07 -12.76
C LEU A 71 14.01 20.17 -13.33
N GLU A 72 13.68 21.42 -13.08
CA GLU A 72 14.48 22.57 -13.56
C GLU A 72 15.90 22.46 -13.05
N LYS A 73 16.07 22.15 -11.76
CA LYS A 73 17.42 22.12 -11.11
C LYS A 73 18.20 20.85 -11.45
N TYR A 74 17.56 19.68 -11.42
CA TYR A 74 18.24 18.36 -11.44
C TYR A 74 17.93 17.58 -12.72
N GLY A 75 17.01 18.04 -13.56
CA GLY A 75 16.66 17.27 -14.76
C GLY A 75 15.75 16.08 -14.48
N THR A 76 15.62 15.18 -15.47
CA THR A 76 14.51 14.22 -15.58
C THR A 76 14.87 12.91 -14.89
N GLY A 77 16.15 12.68 -14.56
CA GLY A 77 16.55 11.41 -13.96
C GLY A 77 17.98 11.41 -13.52
N CYS A 78 18.34 10.45 -12.68
CA CYS A 78 19.72 10.33 -12.12
C CYS A 78 20.54 9.32 -12.94
N ALA A 79 19.92 8.46 -13.73
CA ALA A 79 20.64 7.59 -14.71
C ALA A 79 21.61 6.64 -13.99
N GLY A 80 21.26 6.17 -12.80
CA GLY A 80 22.12 5.17 -12.10
C GLY A 80 21.60 4.80 -10.73
N SER A 81 22.10 3.69 -10.21
CA SER A 81 21.81 3.25 -8.83
C SER A 81 22.31 4.31 -7.85
N ARG A 82 21.65 4.37 -6.71
CA ARG A 82 22.09 5.23 -5.56
C ARG A 82 23.56 4.94 -5.21
N PHE A 83 24.03 3.68 -5.15
N PHE A 83 23.88 3.63 -5.22
CA PHE A 83 25.39 3.40 -4.61
CA PHE A 83 25.18 2.99 -4.89
C PHE A 83 26.43 3.92 -5.59
C PHE A 83 26.30 3.77 -5.59
N LEU A 84 26.11 4.01 -6.88
CA LEU A 84 27.08 4.59 -7.82
C LEU A 84 26.79 6.10 -8.08
N ASN A 85 26.24 6.46 -9.24
CA ASN A 85 26.13 7.85 -9.70
C ASN A 85 24.72 8.43 -9.49
N GLY A 86 23.85 7.71 -8.81
CA GLY A 86 22.42 8.01 -8.69
C GLY A 86 21.98 8.70 -7.41
N THR A 87 22.87 9.07 -6.50
CA THR A 87 22.51 9.77 -5.26
C THR A 87 22.59 11.28 -5.47
N LEU A 88 21.55 11.98 -5.01
CA LEU A 88 21.49 13.46 -4.96
C LEU A 88 21.50 13.84 -3.48
N ASP A 89 21.92 15.05 -3.19
CA ASP A 89 21.72 15.72 -1.88
C ASP A 89 20.26 15.61 -1.45
N ILE A 90 19.32 15.67 -2.35
CA ILE A 90 17.88 15.68 -1.97
C ILE A 90 17.42 14.26 -1.58
N HIS A 91 18.04 13.21 -2.12
CA HIS A 91 17.75 11.82 -1.63
C HIS A 91 18.12 11.71 -0.14
N VAL A 92 19.30 12.23 0.21
CA VAL A 92 19.85 12.13 1.59
C VAL A 92 18.96 12.95 2.53
N GLU A 93 18.53 14.13 2.07
CA GLU A 93 17.64 15.05 2.82
C GLU A 93 16.32 14.31 3.12
N LEU A 94 15.74 13.65 2.12
CA LEU A 94 14.49 12.89 2.33
C LEU A 94 14.72 11.72 3.29
N GLU A 95 15.86 11.02 3.23
CA GLU A 95 16.14 9.93 4.18
C GLU A 95 16.25 10.47 5.61
N GLU A 96 16.91 11.60 5.78
CA GLU A 96 17.02 12.20 7.13
C GLU A 96 15.59 12.56 7.61
N LYS A 97 14.79 13.14 6.73
CA LYS A 97 13.44 13.66 7.13
C LYS A 97 12.50 12.50 7.41
N LEU A 98 12.60 11.39 6.69
CA LEU A 98 11.73 10.22 7.01
C LEU A 98 12.19 9.59 8.33
N SER A 99 13.51 9.49 8.54
CA SER A 99 14.11 8.93 9.77
C SER A 99 13.48 9.68 10.95
N ALA A 100 13.47 11.00 10.86
CA ALA A 100 12.95 11.86 11.93
C ALA A 100 11.46 11.58 12.12
N TYR A 101 10.70 11.49 11.02
CA TYR A 101 9.22 11.36 11.05
C TYR A 101 8.84 10.06 11.76
N VAL A 102 9.49 8.96 11.42
CA VAL A 102 9.13 7.64 12.01
C VAL A 102 9.97 7.34 13.24
N GLY A 103 10.87 8.22 13.67
CA GLY A 103 11.57 8.06 14.95
C GLY A 103 12.60 6.94 14.89
N LYS A 104 13.36 6.88 13.78
CA LYS A 104 14.44 5.88 13.60
C LYS A 104 15.75 6.59 13.26
N GLU A 105 16.86 5.88 13.46
CA GLU A 105 18.22 6.44 13.22
C GLU A 105 18.44 6.86 11.77
N ALA A 106 17.92 6.10 10.81
CA ALA A 106 18.41 6.14 9.42
C ALA A 106 17.36 5.51 8.50
N ALA A 107 17.48 5.82 7.24
CA ALA A 107 16.59 5.25 6.18
C ALA A 107 17.32 5.15 4.88
N ILE A 108 16.83 4.27 4.02
CA ILE A 108 17.28 4.08 2.64
C ILE A 108 16.05 4.06 1.76
N LEU A 109 16.11 4.89 0.71
CA LEU A 109 15.05 4.99 -0.30
C LEU A 109 15.20 3.86 -1.32
N PHE A 110 14.05 3.47 -1.88
CA PHE A 110 13.91 2.60 -3.06
C PHE A 110 13.03 3.31 -4.09
N SER A 111 13.19 2.97 -5.37
N SER A 111 13.18 2.89 -5.35
CA SER A 111 12.49 3.68 -6.48
CA SER A 111 12.53 3.52 -6.53
C SER A 111 11.01 3.26 -6.55
C SER A 111 11.03 3.25 -6.53
N THR A 112 10.63 2.19 -5.86
CA THR A 112 9.21 1.84 -5.66
C THR A 112 8.97 1.31 -4.25
N GLY A 113 7.72 1.35 -3.82
CA GLY A 113 7.35 0.62 -2.60
C GLY A 113 7.65 -0.85 -2.74
N PHE A 114 7.30 -1.42 -3.90
CA PHE A 114 7.42 -2.88 -4.10
C PHE A 114 8.90 -3.29 -3.83
N GLN A 115 9.86 -2.51 -4.34
CA GLN A 115 11.32 -2.76 -4.25
C GLN A 115 11.76 -2.50 -2.78
N SER A 116 11.03 -1.66 -2.04
CA SER A 116 11.33 -1.34 -0.62
C SER A 116 11.13 -2.61 0.21
N ASN A 117 10.15 -3.43 -0.15
CA ASN A 117 9.97 -4.73 0.55
C ASN A 117 10.98 -5.76 0.05
N LEU A 118 11.29 -5.80 -1.23
CA LEU A 118 12.25 -6.79 -1.77
C LEU A 118 13.60 -6.62 -1.06
N GLY A 119 14.00 -5.39 -0.74
CA GLY A 119 15.33 -5.13 -0.18
C GLY A 119 15.58 -5.88 1.11
N PRO A 120 14.95 -5.51 2.24
CA PRO A 120 15.26 -6.15 3.51
C PRO A 120 14.85 -7.64 3.57
N LEU A 121 13.77 -8.01 2.90
CA LEU A 121 13.27 -9.41 2.97
C LEU A 121 14.26 -10.32 2.21
N SER A 122 14.91 -9.87 1.15
CA SER A 122 15.81 -10.73 0.32
C SER A 122 17.15 -10.92 1.02
N CYS A 123 17.62 -9.98 1.87
CA CYS A 123 19.07 -9.96 2.20
C CYS A 123 19.39 -10.04 3.70
N LEU A 124 18.44 -10.10 4.61
CA LEU A 124 18.80 -10.11 6.04
C LEU A 124 18.76 -11.53 6.56
N MET A 125 17.65 -12.24 6.35
CA MET A 125 17.62 -13.70 6.67
C MET A 125 18.23 -14.50 5.51
N GLY A 126 19.03 -15.51 5.83
CA GLY A 126 19.67 -16.38 4.82
C GLY A 126 19.45 -17.86 5.06
N ARG A 127 20.33 -18.70 4.53
CA ARG A 127 20.30 -20.16 4.81
C ARG A 127 20.22 -20.38 6.32
N ASN A 128 19.37 -21.33 6.73
CA ASN A 128 19.15 -21.76 8.13
C ASN A 128 18.39 -20.71 8.95
N ASP A 129 17.93 -19.63 8.30
CA ASP A 129 17.11 -18.60 8.97
C ASP A 129 15.66 -18.75 8.52
N TYR A 130 14.81 -17.93 9.11
CA TYR A 130 13.34 -18.03 8.89
C TYR A 130 12.70 -16.65 8.80
N ILE A 131 11.77 -16.56 7.86
CA ILE A 131 10.85 -15.40 7.73
C ILE A 131 9.43 -15.87 8.03
N LEU A 132 8.77 -15.17 8.95
CA LEU A 132 7.37 -15.44 9.34
C LEU A 132 6.52 -14.32 8.75
N LEU A 133 5.53 -14.71 7.94
CA LEU A 133 4.64 -13.77 7.22
C LEU A 133 3.19 -13.99 7.60
N ASP A 134 2.48 -12.93 7.91
CA ASP A 134 1.00 -12.99 7.98
C ASP A 134 0.50 -13.50 6.63
N GLU A 135 -0.38 -14.51 6.61
CA GLU A 135 -0.84 -15.08 5.32
C GLU A 135 -1.50 -14.05 4.39
N ARG A 136 -1.93 -12.89 4.88
CA ARG A 136 -2.56 -11.84 4.03
C ARG A 136 -1.56 -10.74 3.69
N ASP A 137 -0.28 -10.97 3.94
CA ASP A 137 0.74 -9.96 3.65
C ASP A 137 0.67 -9.56 2.15
N HIS A 138 1.06 -8.34 1.88
CA HIS A 138 1.11 -7.83 0.49
C HIS A 138 1.99 -8.72 -0.41
N ALA A 139 1.63 -8.82 -1.68
CA ALA A 139 2.37 -9.60 -2.69
C ALA A 139 3.86 -9.25 -2.65
N SER A 140 4.21 -7.98 -2.47
CA SER A 140 5.64 -7.57 -2.51
C SER A 140 6.40 -8.19 -1.34
N ILE A 141 5.74 -8.41 -0.21
CA ILE A 141 6.36 -9.07 0.95
C ILE A 141 6.57 -10.55 0.64
N ILE A 142 5.56 -11.24 0.11
CA ILE A 142 5.73 -12.67 -0.29
C ILE A 142 6.91 -12.73 -1.26
N ASP A 143 6.94 -11.84 -2.26
CA ASP A 143 7.98 -11.93 -3.32
C ASP A 143 9.33 -11.61 -2.70
N GLY A 144 9.42 -10.55 -1.90
CA GLY A 144 10.70 -10.24 -1.21
C GLY A 144 11.26 -11.44 -0.46
N SER A 145 10.39 -12.10 0.31
CA SER A 145 10.73 -13.26 1.15
C SER A 145 11.21 -14.39 0.26
N ARG A 146 10.55 -14.60 -0.88
N ARG A 146 10.59 -14.59 -0.90
CA ARG A 146 10.91 -15.64 -1.86
CA ARG A 146 10.98 -15.68 -1.83
C ARG A 146 12.37 -15.39 -2.32
C ARG A 146 12.32 -15.39 -2.49
N LEU A 147 12.78 -14.13 -2.47
CA LEU A 147 14.12 -13.79 -2.95
C LEU A 147 15.18 -14.03 -1.87
N SER A 148 14.76 -14.29 -0.64
CA SER A 148 15.73 -14.66 0.41
C SER A 148 16.17 -16.11 0.18
N PHE A 149 17.21 -16.50 0.87
CA PHE A 149 17.66 -17.90 0.90
C PHE A 149 17.20 -18.53 2.21
N SER A 150 16.19 -17.92 2.89
CA SER A 150 15.65 -18.46 4.16
C SER A 150 14.43 -19.35 3.90
N LYS A 151 13.94 -19.98 4.98
CA LYS A 151 12.65 -20.72 4.97
C LYS A 151 11.53 -19.73 5.30
N VAL A 152 10.60 -19.54 4.38
CA VAL A 152 9.44 -18.62 4.55
C VAL A 152 8.27 -19.43 5.07
N ILE A 153 7.67 -18.97 6.15
CA ILE A 153 6.57 -19.67 6.86
C ILE A 153 5.43 -18.64 6.98
N LYS A 154 4.23 -19.00 6.51
CA LYS A 154 3.05 -18.14 6.73
C LYS A 154 2.35 -18.53 8.04
N TYR A 155 1.84 -17.54 8.74
CA TYR A 155 0.96 -17.75 9.92
C TYR A 155 -0.42 -17.18 9.60
N GLY A 156 -1.41 -17.74 10.30
CA GLY A 156 -2.82 -17.35 10.18
C GLY A 156 -2.96 -15.86 10.34
N HIS A 157 -3.87 -15.26 9.59
CA HIS A 157 -4.05 -13.80 9.58
C HIS A 157 -4.33 -13.32 11.00
N ASN A 158 -3.46 -12.45 11.50
CA ASN A 158 -3.49 -11.85 12.85
C ASN A 158 -3.68 -12.93 13.91
N ASN A 159 -3.18 -14.13 13.66
CA ASN A 159 -3.38 -15.29 14.57
C ASN A 159 -2.11 -15.41 15.39
N MET A 160 -2.12 -14.86 16.59
CA MET A 160 -0.92 -14.74 17.45
C MET A 160 -0.58 -16.12 18.05
N GLU A 161 -1.58 -16.97 18.27
CA GLU A 161 -1.30 -18.35 18.76
C GLU A 161 -0.55 -19.09 17.65
N ASP A 162 -0.96 -18.91 16.40
CA ASP A 162 -0.31 -19.59 15.25
C ASP A 162 1.14 -19.09 15.10
N LEU A 163 1.34 -17.78 15.14
CA LEU A 163 2.69 -17.15 15.11
C LEU A 163 3.55 -17.75 16.21
N ARG A 164 3.05 -17.74 17.45
CA ARG A 164 3.81 -18.19 18.61
C ARG A 164 4.15 -19.66 18.41
N ALA A 165 3.19 -20.51 18.02
CA ALA A 165 3.42 -21.96 17.84
C ALA A 165 4.53 -22.14 16.80
N LYS A 166 4.40 -21.46 15.66
CA LYS A 166 5.31 -21.68 14.52
C LYS A 166 6.71 -21.22 14.90
N LEU A 167 6.86 -20.12 15.64
CA LEU A 167 8.18 -19.65 16.14
C LEU A 167 8.78 -20.64 17.14
N SER A 168 7.94 -21.29 17.96
CA SER A 168 8.38 -22.20 19.05
C SER A 168 8.97 -23.49 18.44
N ARG A 169 8.54 -23.86 17.24
CA ARG A 169 9.01 -25.07 16.51
C ARG A 169 10.44 -24.91 15.98
N LEU A 170 10.98 -23.69 15.92
CA LEU A 170 12.19 -23.38 15.12
C LEU A 170 13.44 -23.56 15.96
N PRO A 171 14.57 -24.02 15.37
CA PRO A 171 15.85 -24.08 16.07
C PRO A 171 16.21 -22.78 16.80
N GLU A 172 16.72 -22.84 18.03
CA GLU A 172 17.12 -21.62 18.79
C GLU A 172 18.25 -20.90 18.03
N ASP A 173 19.15 -21.68 17.42
N ASP A 173 19.22 -21.65 17.52
CA ASP A 173 20.39 -21.20 16.76
CA ASP A 173 20.40 -21.08 16.81
C ASP A 173 20.08 -20.75 15.33
C ASP A 173 19.96 -20.86 15.37
N SER A 174 19.10 -19.86 15.16
CA SER A 174 18.72 -19.34 13.82
C SER A 174 18.14 -17.95 14.02
N ALA A 175 18.28 -17.10 13.03
CA ALA A 175 17.68 -15.75 13.02
C ALA A 175 16.28 -15.89 12.45
N LYS A 176 15.38 -15.07 12.98
CA LYS A 176 13.97 -15.02 12.56
C LYS A 176 13.60 -13.57 12.35
N LEU A 177 12.82 -13.32 11.30
N LEU A 177 12.81 -13.35 11.32
CA LEU A 177 12.21 -11.99 11.05
CA LEU A 177 12.21 -12.04 10.99
C LEU A 177 10.73 -12.16 10.72
C LEU A 177 10.71 -12.27 10.80
N ILE A 178 9.89 -11.43 11.45
CA ILE A 178 8.42 -11.33 11.24
C ILE A 178 8.13 -10.08 10.41
N CYS A 179 7.44 -10.23 9.29
CA CYS A 179 7.04 -9.08 8.47
C CYS A 179 5.53 -9.06 8.32
N THR A 180 4.92 -7.93 8.58
CA THR A 180 3.46 -7.77 8.54
C THR A 180 3.09 -6.45 7.87
N ASP A 181 2.02 -6.42 7.09
CA ASP A 181 1.38 -5.14 6.73
C ASP A 181 0.96 -4.49 8.05
N GLY A 182 0.95 -3.17 8.09
CA GLY A 182 0.46 -2.43 9.25
C GLY A 182 -1.04 -2.35 9.15
N ILE A 183 -1.53 -1.66 8.14
CA ILE A 183 -2.92 -1.75 7.63
C ILE A 183 -2.88 -2.67 6.41
N PHE A 184 -3.69 -3.72 6.45
CA PHE A 184 -3.83 -4.71 5.34
C PHE A 184 -4.78 -4.13 4.27
N SER A 185 -4.38 -3.96 3.01
CA SER A 185 -5.22 -3.14 2.09
C SER A 185 -6.54 -3.82 1.75
N MET A 186 -6.60 -5.15 1.70
CA MET A 186 -7.83 -5.79 1.14
C MET A 186 -9.01 -5.44 2.04
N GLU A 187 -8.89 -5.74 3.35
CA GLU A 187 -10.02 -5.58 4.28
C GLU A 187 -9.84 -4.33 5.16
N GLY A 188 -8.63 -3.73 5.16
CA GLY A 188 -8.44 -2.43 5.82
C GLY A 188 -8.21 -2.62 7.31
N ASP A 189 -7.91 -3.83 7.78
CA ASP A 189 -7.72 -4.14 9.23
C ASP A 189 -6.27 -3.87 9.65
N ILE A 190 -6.04 -3.72 10.95
CA ILE A 190 -4.71 -3.35 11.53
C ILE A 190 -4.08 -4.56 12.21
N VAL A 191 -2.78 -4.76 12.02
CA VAL A 191 -2.03 -5.83 12.68
C VAL A 191 -2.20 -5.70 14.21
N ASN A 192 -2.21 -6.81 14.90
CA ASN A 192 -2.14 -6.83 16.38
C ASN A 192 -0.69 -6.61 16.79
N LEU A 193 -0.17 -5.39 16.62
CA LEU A 193 1.27 -5.15 16.84
C LEU A 193 1.65 -5.34 18.31
N PRO A 194 0.79 -5.03 19.31
CA PRO A 194 1.20 -5.30 20.68
C PRO A 194 1.50 -6.79 20.94
N GLU A 195 0.63 -7.70 20.53
N GLU A 195 0.64 -7.72 20.54
CA GLU A 195 0.84 -9.16 20.77
CA GLU A 195 0.95 -9.15 20.82
C GLU A 195 2.00 -9.65 19.89
C GLU A 195 2.06 -9.64 19.89
N LEU A 196 2.07 -9.21 18.62
CA LEU A 196 3.13 -9.63 17.67
C LEU A 196 4.51 -9.25 18.25
N THR A 197 4.67 -8.04 18.73
CA THR A 197 5.96 -7.55 19.26
C THR A 197 6.29 -8.25 20.59
N SER A 198 5.28 -8.60 21.39
N SER A 198 5.28 -8.58 21.40
CA SER A 198 5.46 -9.34 22.67
CA SER A 198 5.49 -9.35 22.66
C SER A 198 6.03 -10.72 22.36
C SER A 198 6.12 -10.70 22.30
N ILE A 199 5.53 -11.38 21.32
CA ILE A 199 6.01 -12.71 20.86
C ILE A 199 7.42 -12.54 20.27
N ALA A 200 7.61 -11.56 19.40
CA ALA A 200 8.92 -11.28 18.78
C ALA A 200 9.98 -11.15 19.90
N ASN A 201 9.64 -10.41 20.95
CA ASN A 201 10.60 -10.15 22.06
C ASN A 201 10.95 -11.46 22.78
N GLU A 202 9.98 -12.34 22.98
CA GLU A 202 10.21 -13.63 23.67
C GLU A 202 11.14 -14.53 22.85
N PHE A 203 11.08 -14.47 21.51
CA PHE A 203 11.86 -15.37 20.61
C PHE A 203 13.04 -14.63 19.96
N ASP A 204 13.25 -13.37 20.33
CA ASP A 204 14.31 -12.50 19.76
C ASP A 204 14.21 -12.44 18.22
N ALA A 205 13.00 -12.37 17.68
CA ALA A 205 12.73 -12.26 16.23
C ALA A 205 12.71 -10.76 15.86
N ALA A 206 13.37 -10.42 14.74
CA ALA A 206 13.28 -9.05 14.19
C ALA A 206 11.85 -8.78 13.75
N VAL A 207 11.40 -7.53 13.81
CA VAL A 207 10.03 -7.14 13.39
C VAL A 207 10.14 -6.08 12.31
N MET A 208 9.49 -6.33 11.18
CA MET A 208 9.35 -5.36 10.08
C MET A 208 7.87 -5.13 9.81
N VAL A 209 7.48 -3.87 9.73
CA VAL A 209 6.08 -3.47 9.45
C VAL A 209 6.04 -2.72 8.13
N ASP A 210 5.13 -3.12 7.24
CA ASP A 210 4.85 -2.42 5.97
C ASP A 210 3.73 -1.41 6.17
N ASP A 211 4.06 -0.13 6.18
CA ASP A 211 3.06 0.93 6.48
C ASP A 211 2.58 1.64 5.22
N ALA A 212 2.52 0.94 4.07
CA ALA A 212 2.09 1.55 2.81
C ALA A 212 0.79 2.31 3.03
N HIS A 213 -0.18 1.63 3.63
CA HIS A 213 -1.54 2.18 3.83
C HIS A 213 -1.68 2.83 5.21
N SER A 214 -0.63 2.83 6.01
CA SER A 214 -0.68 3.45 7.37
C SER A 214 -0.13 4.87 7.37
N LEU A 215 0.97 5.14 6.63
CA LEU A 215 1.57 6.50 6.61
C LEU A 215 0.57 7.53 6.07
N GLY A 216 0.36 8.57 6.85
CA GLY A 216 -0.59 9.64 6.53
C GLY A 216 -2.00 9.28 6.92
N VAL A 217 -2.19 8.16 7.61
CA VAL A 217 -3.53 7.60 7.95
C VAL A 217 -3.62 7.37 9.46
N ILE A 218 -2.71 6.55 10.02
CA ILE A 218 -2.68 6.32 11.49
C ILE A 218 -1.34 6.76 12.08
N GLY A 219 -1.32 6.85 13.39
CA GLY A 219 -0.14 7.29 14.14
C GLY A 219 -0.09 8.81 14.28
N HIS A 220 0.79 9.30 15.15
CA HIS A 220 0.93 10.73 15.47
C HIS A 220 1.41 11.44 14.21
N LYS A 221 0.65 12.42 13.74
CA LYS A 221 0.89 13.23 12.51
C LYS A 221 1.01 12.26 11.35
N GLY A 222 0.41 11.08 11.47
CA GLY A 222 0.38 10.06 10.42
C GLY A 222 1.62 9.20 10.33
N ALA A 223 2.45 9.14 11.37
CA ALA A 223 3.79 8.47 11.34
C ALA A 223 3.68 6.93 11.33
N GLY A 224 2.47 6.36 11.33
CA GLY A 224 2.30 4.92 11.03
C GLY A 224 1.91 4.03 12.20
N THR A 225 2.07 2.72 12.01
CA THR A 225 1.44 1.69 12.89
C THR A 225 2.20 1.60 14.22
N ALA A 226 3.54 1.49 14.21
CA ALA A 226 4.35 1.55 15.46
C ALA A 226 3.95 2.80 16.25
N SER A 227 3.81 3.96 15.60
CA SER A 227 3.44 5.23 16.26
C SER A 227 2.03 5.12 16.85
N HIS A 228 1.12 4.53 16.10
CA HIS A 228 -0.28 4.27 16.53
C HIS A 228 -0.30 3.52 17.86
N PHE A 229 0.57 2.55 18.06
CA PHE A 229 0.54 1.65 19.23
C PHE A 229 1.56 2.08 20.31
N GLY A 230 2.44 3.04 20.02
CA GLY A 230 3.52 3.44 20.96
C GLY A 230 4.72 2.51 20.94
N LEU A 231 4.86 1.69 19.90
CA LEU A 231 5.76 0.52 19.90
C LEU A 231 6.99 0.72 18.99
N ASN A 232 7.39 1.96 18.72
CA ASN A 232 8.63 2.33 17.99
C ASN A 232 9.79 1.43 18.47
N ASP A 233 9.96 1.27 19.78
CA ASP A 233 11.14 0.59 20.35
C ASP A 233 11.04 -0.95 20.18
N ASP A 234 9.94 -1.50 19.67
CA ASP A 234 9.74 -2.97 19.53
C ASP A 234 9.66 -3.33 18.03
N VAL A 235 9.84 -2.35 17.14
CA VAL A 235 9.82 -2.55 15.66
C VAL A 235 11.20 -2.20 15.10
N ASP A 236 11.86 -3.19 14.53
CA ASP A 236 13.23 -3.02 13.97
C ASP A 236 13.22 -2.18 12.69
N LEU A 237 12.27 -2.48 11.80
CA LEU A 237 12.25 -1.87 10.45
C LEU A 237 10.85 -1.37 10.14
N ILE A 238 10.77 -0.10 9.80
CA ILE A 238 9.52 0.54 9.31
C ILE A 238 9.69 0.77 7.81
N MET A 239 8.88 0.07 7.03
CA MET A 239 8.86 0.22 5.56
C MET A 239 7.66 1.08 5.20
N GLY A 240 7.84 2.00 4.26
CA GLY A 240 6.74 2.82 3.75
C GLY A 240 6.83 2.95 2.26
N THR A 241 5.76 3.45 1.63
N THR A 241 5.77 3.50 1.66
CA THR A 241 5.74 3.78 0.19
CA THR A 241 5.70 3.78 0.21
C THR A 241 5.46 5.28 0.07
C THR A 241 5.33 5.26 0.03
N PHE A 242 5.71 5.86 -1.10
CA PHE A 242 5.39 7.27 -1.40
C PHE A 242 4.20 7.36 -2.38
N SER A 243 3.60 6.22 -2.77
CA SER A 243 2.61 6.17 -3.88
C SER A 243 1.18 6.34 -3.38
N LYS A 244 0.94 6.59 -2.09
CA LYS A 244 -0.44 6.64 -1.50
C LYS A 244 -0.64 8.00 -0.86
N SER A 245 -0.55 8.13 0.47
CA SER A 245 -0.70 9.47 1.10
C SER A 245 0.32 10.45 0.52
N LEU A 246 1.55 9.99 0.27
CA LEU A 246 2.66 10.92 -0.04
C LEU A 246 2.67 11.28 -1.54
N ALA A 247 1.74 10.81 -2.35
CA ALA A 247 1.32 11.42 -3.63
C ALA A 247 2.40 11.36 -4.72
N SER A 248 3.26 10.33 -4.67
N SER A 248 3.29 10.36 -4.66
CA SER A 248 4.49 10.29 -5.47
CA SER A 248 4.51 10.32 -5.52
C SER A 248 4.77 8.84 -5.88
C SER A 248 4.77 8.88 -6.02
N LEU A 249 6.04 8.47 -5.98
CA LEU A 249 6.45 7.12 -6.35
C LEU A 249 7.73 6.84 -5.59
N GLY A 250 7.92 5.62 -5.13
CA GLY A 250 9.10 5.24 -4.33
C GLY A 250 8.72 4.68 -2.98
N GLY A 251 9.73 4.37 -2.18
CA GLY A 251 9.49 3.98 -0.78
C GLY A 251 10.77 3.99 0.00
N PHE A 252 10.71 3.54 1.25
CA PHE A 252 11.89 3.56 2.13
C PHE A 252 11.79 2.40 3.11
N VAL A 253 12.91 2.06 3.70
CA VAL A 253 13.01 1.28 4.95
C VAL A 253 13.80 2.10 5.94
N ALA A 254 13.26 2.22 7.15
CA ALA A 254 13.95 2.97 8.23
C ALA A 254 14.24 2.05 9.39
N GLY A 255 15.35 2.31 10.07
CA GLY A 255 15.69 1.54 11.29
C GLY A 255 17.03 1.97 11.83
N ASP A 256 17.69 1.06 12.52
CA ASP A 256 18.98 1.33 13.23
C ASP A 256 20.01 1.59 12.13
N ALA A 257 20.89 2.59 12.36
CA ALA A 257 21.94 2.98 11.41
C ALA A 257 22.75 1.76 10.94
N ASP A 258 23.09 0.81 11.80
CA ASP A 258 23.95 -0.33 11.35
C ASP A 258 23.16 -1.24 10.41
N VAL A 259 21.88 -1.47 10.69
CA VAL A 259 21.00 -2.31 9.82
C VAL A 259 20.80 -1.61 8.47
N ILE A 260 20.45 -0.33 8.48
CA ILE A 260 20.21 0.43 7.23
C ILE A 260 21.49 0.49 6.41
N ASP A 261 22.66 0.61 7.05
N ASP A 261 22.66 0.61 7.05
CA ASP A 261 23.95 0.62 6.32
CA ASP A 261 23.94 0.62 6.31
C ASP A 261 24.14 -0.76 5.68
C ASP A 261 24.15 -0.77 5.68
N PHE A 262 23.82 -1.84 6.36
CA PHE A 262 23.94 -3.18 5.74
C PHE A 262 23.02 -3.19 4.50
N LEU A 263 21.79 -2.75 4.67
CA LEU A 263 20.77 -2.86 3.60
C LEU A 263 21.22 -2.09 2.37
N LYS A 264 21.68 -0.86 2.59
CA LYS A 264 21.90 0.05 1.42
C LYS A 264 23.06 -0.54 0.60
N HIS A 265 23.85 -1.44 1.19
CA HIS A 265 25.03 -2.00 0.49
C HIS A 265 24.78 -3.43 0.03
N ASN A 266 23.68 -4.08 0.41
CA ASN A 266 23.46 -5.55 0.20
C ASN A 266 22.14 -5.86 -0.51
N ALA A 267 21.20 -4.93 -0.50
CA ALA A 267 19.87 -5.19 -1.09
C ALA A 267 19.96 -5.03 -2.60
N ARG A 268 19.64 -6.07 -3.36
CA ARG A 268 19.80 -6.01 -4.84
C ARG A 268 18.82 -4.98 -5.43
N SER A 269 17.64 -4.76 -4.83
CA SER A 269 16.64 -3.84 -5.39
C SER A 269 17.09 -2.39 -5.20
N VAL A 270 18.15 -2.10 -4.41
CA VAL A 270 18.73 -0.72 -4.40
C VAL A 270 20.07 -0.73 -5.16
N MET A 271 20.88 -1.77 -5.09
CA MET A 271 22.19 -1.77 -5.81
C MET A 271 22.00 -1.80 -7.33
N PHE A 272 20.98 -2.46 -7.81
CA PHE A 272 20.84 -2.85 -9.25
C PHE A 272 19.57 -2.23 -9.87
N SER A 273 19.09 -1.12 -9.31
CA SER A 273 17.93 -0.35 -9.84
C SER A 273 18.19 1.15 -9.70
N ALA A 274 17.83 1.92 -10.74
CA ALA A 274 18.08 3.37 -10.81
C ALA A 274 17.31 4.08 -9.70
N SER A 275 17.87 5.16 -9.22
CA SER A 275 17.29 5.92 -8.08
C SER A 275 16.01 6.66 -8.46
N MET A 276 15.30 7.10 -7.43
CA MET A 276 14.09 7.94 -7.59
C MET A 276 14.44 9.17 -8.42
N THR A 277 13.51 9.60 -9.28
CA THR A 277 13.71 10.84 -10.09
C THR A 277 13.67 12.04 -9.14
N PRO A 278 14.40 13.11 -9.49
CA PRO A 278 14.34 14.33 -8.68
C PRO A 278 12.92 14.85 -8.40
N ALA A 279 12.07 14.85 -9.41
CA ALA A 279 10.65 15.27 -9.26
C ALA A 279 9.98 14.44 -8.15
N SER A 280 10.18 13.13 -8.09
CA SER A 280 9.54 12.27 -7.06
C SER A 280 10.15 12.54 -5.69
N VAL A 281 11.45 12.81 -5.61
CA VAL A 281 12.08 13.14 -4.30
C VAL A 281 11.44 14.43 -3.80
N ALA A 282 11.39 15.44 -4.65
CA ALA A 282 10.92 16.78 -4.24
C ALA A 282 9.42 16.71 -3.88
N SER A 283 8.60 15.96 -4.62
N SER A 283 8.61 15.98 -4.65
CA SER A 283 7.16 15.85 -4.29
CA SER A 283 7.17 15.72 -4.35
C SER A 283 6.98 15.08 -2.97
C SER A 283 7.05 15.13 -2.95
N THR A 284 7.85 14.10 -2.68
CA THR A 284 7.74 13.32 -1.43
C THR A 284 8.11 14.25 -0.26
N LEU A 285 9.21 14.98 -0.41
CA LEU A 285 9.70 15.93 0.64
C LEU A 285 8.55 16.90 0.96
N LYS A 286 7.96 17.53 -0.05
CA LYS A 286 6.93 18.60 0.17
C LYS A 286 5.66 17.97 0.75
N ALA A 287 5.23 16.81 0.27
CA ALA A 287 4.06 16.10 0.85
C ALA A 287 4.30 15.80 2.34
N LEU A 288 5.49 15.35 2.70
CA LEU A 288 5.83 14.99 4.10
C LEU A 288 5.75 16.24 4.97
N GLU A 289 6.28 17.37 4.49
CA GLU A 289 6.13 18.66 5.22
C GLU A 289 4.63 18.96 5.45
N ILE A 290 3.80 18.83 4.42
CA ILE A 290 2.36 19.24 4.48
C ILE A 290 1.63 18.33 5.49
N ILE A 291 1.92 17.05 5.52
CA ILE A 291 1.14 16.09 6.37
C ILE A 291 1.36 16.43 7.84
N GLN A 292 2.59 16.84 8.14
CA GLN A 292 2.97 17.22 9.52
C GLN A 292 2.48 18.62 9.86
N ASN A 293 2.65 19.55 8.96
CA ASN A 293 2.40 20.99 9.27
C ASN A 293 0.90 21.27 9.29
N GLU A 294 0.09 20.48 8.60
CA GLU A 294 -1.33 20.81 8.31
C GLU A 294 -2.19 19.66 8.79
N PRO A 295 -2.50 19.56 10.10
CA PRO A 295 -3.29 18.44 10.60
C PRO A 295 -4.68 18.24 10.00
N GLU A 296 -5.19 19.27 9.32
N GLU A 296 -5.19 19.21 9.25
CA GLU A 296 -6.49 19.28 8.60
CA GLU A 296 -6.56 19.19 8.69
C GLU A 296 -6.64 18.02 7.74
C GLU A 296 -6.69 18.15 7.56
N HIS A 297 -5.57 17.63 7.03
CA HIS A 297 -5.66 16.59 5.94
C HIS A 297 -6.08 15.27 6.57
N ILE A 298 -5.34 14.82 7.56
CA ILE A 298 -5.63 13.54 8.26
C ILE A 298 -7.00 13.67 8.93
N GLU A 299 -7.34 14.82 9.54
CA GLU A 299 -8.65 15.00 10.24
C GLU A 299 -9.79 14.79 9.24
N LYS A 300 -9.71 15.41 8.08
CA LYS A 300 -10.78 15.38 7.04
C LYS A 300 -10.88 14.00 6.44
N LEU A 301 -9.75 13.36 6.20
CA LEU A 301 -9.77 11.95 5.74
C LEU A 301 -10.64 11.12 6.71
N TRP A 302 -10.44 11.29 8.02
CA TRP A 302 -11.18 10.51 9.04
C TRP A 302 -12.64 10.99 9.17
N LYS A 303 -12.93 12.27 8.99
CA LYS A 303 -14.32 12.74 8.96
C LYS A 303 -15.06 12.02 7.82
N ASN A 304 -14.44 11.98 6.66
CA ASN A 304 -15.00 11.36 5.44
C ASN A 304 -15.15 9.85 5.67
N THR A 305 -14.13 9.21 6.22
CA THR A 305 -14.20 7.76 6.48
C THR A 305 -15.37 7.47 7.44
N ASP A 306 -15.46 8.21 8.54
CA ASP A 306 -16.48 7.92 9.58
C ASP A 306 -17.86 8.17 8.97
N TYR A 307 -18.02 9.25 8.19
CA TYR A 307 -19.31 9.57 7.52
C TYR A 307 -19.69 8.46 6.53
N ALA A 308 -18.80 8.11 5.61
CA ALA A 308 -19.08 7.12 4.56
C ALA A 308 -19.42 5.78 5.20
N LYS A 309 -18.63 5.35 6.18
CA LYS A 309 -18.84 4.04 6.84
C LYS A 309 -20.22 4.04 7.51
N ALA A 310 -20.54 5.09 8.26
CA ALA A 310 -21.88 5.21 8.91
C ALA A 310 -22.96 5.11 7.83
N GLN A 311 -22.86 5.92 6.76
CA GLN A 311 -23.89 5.98 5.69
C GLN A 311 -24.07 4.58 5.07
N LEU A 312 -22.97 3.85 4.82
CA LEU A 312 -23.02 2.52 4.13
C LEU A 312 -23.70 1.51 5.03
N LEU A 313 -23.39 1.52 6.34
CA LEU A 313 -23.99 0.57 7.31
C LEU A 313 -25.47 0.90 7.47
N ASP A 314 -25.80 2.20 7.47
CA ASP A 314 -27.21 2.72 7.56
C ASP A 314 -28.02 2.28 6.35
N HIS A 315 -27.40 2.18 5.17
CA HIS A 315 -28.08 1.68 3.94
C HIS A 315 -28.10 0.15 3.87
N GLY A 316 -27.51 -0.54 4.83
CA GLY A 316 -27.58 -2.00 4.93
C GLY A 316 -26.53 -2.71 4.09
N PHE A 317 -25.47 -2.00 3.65
CA PHE A 317 -24.33 -2.68 3.02
C PHE A 317 -23.64 -3.55 4.07
N ASP A 318 -23.01 -4.61 3.61
CA ASP A 318 -22.30 -5.60 4.43
C ASP A 318 -20.82 -5.22 4.28
N LEU A 319 -20.22 -4.66 5.32
N LEU A 319 -20.23 -4.64 5.32
CA LEU A 319 -18.83 -4.11 5.25
CA LEU A 319 -18.83 -4.11 5.28
C LEU A 319 -17.83 -5.08 5.88
C LEU A 319 -17.84 -5.14 5.85
N GLY A 320 -16.62 -5.13 5.34
CA GLY A 320 -15.47 -5.84 5.94
C GLY A 320 -15.08 -5.21 7.27
N ALA A 321 -14.29 -5.94 8.06
CA ALA A 321 -13.85 -5.54 9.42
C ALA A 321 -12.71 -4.53 9.28
N THR A 322 -12.99 -3.41 8.64
CA THR A 322 -11.97 -2.37 8.39
C THR A 322 -11.71 -1.51 9.64
N GLU A 323 -10.51 -1.00 9.77
CA GLU A 323 -10.15 0.03 10.78
C GLU A 323 -9.50 1.24 10.08
N SER A 324 -9.84 1.47 8.81
CA SER A 324 -9.11 2.43 7.96
C SER A 324 -10.05 3.09 6.95
N PRO A 325 -9.54 4.02 6.11
CA PRO A 325 -10.33 4.61 5.04
C PRO A 325 -10.68 3.69 3.87
N ILE A 326 -10.30 2.43 3.98
CA ILE A 326 -10.65 1.37 3.00
C ILE A 326 -11.96 0.73 3.48
N LEU A 327 -13.03 0.89 2.70
CA LEU A 327 -14.36 0.33 3.10
C LEU A 327 -14.69 -0.80 2.14
N PRO A 328 -14.38 -2.06 2.49
CA PRO A 328 -14.76 -3.20 1.67
C PRO A 328 -16.26 -3.50 1.79
N ILE A 329 -16.92 -3.57 0.64
CA ILE A 329 -18.39 -3.80 0.54
C ILE A 329 -18.56 -5.20 -0.06
N PHE A 330 -19.13 -6.14 0.68
CA PHE A 330 -19.27 -7.54 0.23
C PHE A 330 -20.37 -7.69 -0.82
N ILE A 331 -20.10 -8.54 -1.82
CA ILE A 331 -21.05 -8.84 -2.94
C ILE A 331 -21.26 -10.36 -3.02
N ARG A 332 -20.20 -11.13 -2.92
CA ARG A 332 -20.20 -12.59 -2.64
C ARG A 332 -20.62 -13.34 -3.91
N SER A 333 -20.43 -12.73 -5.09
CA SER A 333 -20.55 -13.38 -6.41
C SER A 333 -19.55 -12.71 -7.34
N ASN A 334 -18.69 -13.48 -7.98
CA ASN A 334 -17.71 -12.93 -8.95
C ASN A 334 -18.46 -12.23 -10.09
N GLU A 335 -19.48 -12.90 -10.67
CA GLU A 335 -20.25 -12.30 -11.79
C GLU A 335 -20.93 -11.00 -11.33
N LYS A 336 -21.59 -10.95 -10.17
CA LYS A 336 -22.21 -9.68 -9.71
C LYS A 336 -21.13 -8.61 -9.46
N THR A 337 -19.97 -9.01 -8.95
CA THR A 337 -18.87 -8.07 -8.61
C THR A 337 -18.40 -7.43 -9.92
N PHE A 338 -18.18 -8.22 -10.97
CA PHE A 338 -17.79 -7.63 -12.27
C PHE A 338 -18.91 -6.72 -12.78
N TRP A 339 -20.17 -7.18 -12.70
CA TRP A 339 -21.34 -6.45 -13.24
C TRP A 339 -21.48 -5.11 -12.48
N VAL A 340 -21.44 -5.15 -11.16
CA VAL A 340 -21.61 -3.96 -10.28
C VAL A 340 -20.52 -2.95 -10.63
N THR A 341 -19.31 -3.41 -10.79
CA THR A 341 -18.16 -2.52 -11.04
C THR A 341 -18.40 -1.77 -12.34
N LYS A 342 -18.77 -2.52 -13.38
CA LYS A 342 -18.96 -1.94 -14.74
C LYS A 342 -20.14 -0.98 -14.75
N MET A 343 -21.27 -1.37 -14.14
N MET A 343 -21.26 -1.36 -14.12
CA MET A 343 -22.48 -0.53 -14.07
CA MET A 343 -22.48 -0.51 -14.10
C MET A 343 -22.14 0.79 -13.36
C MET A 343 -22.19 0.78 -13.32
N LEU A 344 -21.43 0.71 -12.22
CA LEU A 344 -20.98 1.92 -11.48
C LEU A 344 -20.07 2.78 -12.36
N GLN A 345 -19.09 2.16 -13.02
CA GLN A 345 -18.20 2.89 -13.96
C GLN A 345 -19.04 3.67 -15.00
N ASP A 346 -20.03 3.01 -15.60
CA ASP A 346 -20.86 3.58 -16.69
C ASP A 346 -21.81 4.64 -16.10
N ASP A 347 -22.08 4.60 -14.79
CA ASP A 347 -22.88 5.64 -14.10
C ASP A 347 -21.97 6.65 -13.39
N GLY A 348 -20.64 6.60 -13.56
CA GLY A 348 -19.80 7.71 -13.07
C GLY A 348 -19.27 7.49 -11.66
N VAL A 349 -19.16 6.24 -11.22
CA VAL A 349 -18.55 5.90 -9.92
C VAL A 349 -17.42 4.89 -10.17
N PHE A 350 -16.23 5.20 -9.69
CA PHE A 350 -15.04 4.31 -9.79
C PHE A 350 -14.80 3.60 -8.45
N VAL A 351 -15.01 2.28 -8.44
CA VAL A 351 -14.64 1.40 -7.30
C VAL A 351 -13.73 0.29 -7.81
N ASN A 352 -13.05 -0.39 -6.91
CA ASN A 352 -12.11 -1.48 -7.25
C ASN A 352 -12.73 -2.83 -6.90
N PRO A 353 -12.82 -3.77 -7.86
CA PRO A 353 -13.33 -5.10 -7.53
C PRO A 353 -12.27 -6.03 -6.97
N VAL A 354 -12.70 -6.92 -6.08
CA VAL A 354 -11.88 -8.02 -5.53
C VAL A 354 -12.61 -9.31 -5.83
N VAL A 355 -12.00 -10.18 -6.65
CA VAL A 355 -12.70 -11.38 -7.17
C VAL A 355 -11.77 -12.58 -7.08
N SER A 356 -12.31 -13.76 -7.38
CA SER A 356 -11.50 -14.99 -7.60
C SER A 356 -10.57 -14.76 -8.77
N PRO A 357 -9.30 -15.22 -8.71
CA PRO A 357 -8.80 -16.07 -7.63
C PRO A 357 -8.15 -15.41 -6.41
N ALA A 358 -8.13 -14.08 -6.34
CA ALA A 358 -7.56 -13.34 -5.18
C ALA A 358 -8.35 -13.68 -3.91
N VAL A 359 -9.67 -13.86 -4.04
CA VAL A 359 -10.54 -14.28 -2.90
C VAL A 359 -11.53 -15.31 -3.39
N PRO A 360 -12.08 -16.13 -2.47
CA PRO A 360 -13.22 -17.00 -2.80
C PRO A 360 -14.46 -16.23 -3.26
N ALA A 361 -15.15 -16.76 -4.25
CA ALA A 361 -16.36 -16.16 -4.84
C ALA A 361 -17.23 -15.52 -3.74
N GLU A 362 -17.47 -16.26 -2.65
CA GLU A 362 -18.44 -15.89 -1.59
C GLU A 362 -17.90 -14.73 -0.74
N GLU A 363 -16.65 -14.30 -0.95
CA GLU A 363 -16.02 -13.13 -0.28
C GLU A 363 -15.65 -12.04 -1.29
N SER A 364 -16.07 -12.16 -2.55
CA SER A 364 -15.90 -11.11 -3.60
C SER A 364 -16.55 -9.80 -3.15
N LEU A 365 -15.91 -8.66 -3.44
CA LEU A 365 -16.36 -7.37 -2.89
C LEU A 365 -15.86 -6.23 -3.77
N ILE A 366 -16.38 -5.05 -3.52
CA ILE A 366 -15.83 -3.78 -4.06
C ILE A 366 -15.22 -2.96 -2.92
N ARG A 367 -14.06 -2.34 -3.20
CA ARG A 367 -13.35 -1.50 -2.21
C ARG A 367 -13.65 -0.05 -2.54
N PHE A 368 -14.19 0.65 -1.56
CA PHE A 368 -14.58 2.07 -1.60
C PHE A 368 -13.65 2.83 -0.66
N SER A 369 -12.70 3.55 -1.20
CA SER A 369 -11.63 4.22 -0.42
C SER A 369 -11.92 5.72 -0.33
N LEU A 370 -11.67 6.31 0.84
CA LEU A 370 -11.90 7.75 1.03
C LEU A 370 -10.58 8.50 0.81
N MET A 371 -10.71 9.74 0.37
CA MET A 371 -9.65 10.76 0.32
C MET A 371 -10.08 11.98 1.16
N ALA A 372 -9.10 12.71 1.69
CA ALA A 372 -9.37 13.89 2.53
C ALA A 372 -10.19 14.90 1.73
N THR A 373 -10.04 14.94 0.41
CA THR A 373 -10.57 16.02 -0.47
C THR A 373 -11.98 15.66 -0.92
N HIS A 374 -12.42 14.44 -0.68
CA HIS A 374 -13.84 14.05 -0.89
C HIS A 374 -14.75 15.02 -0.11
N THR A 375 -15.89 15.35 -0.68
CA THR A 375 -16.97 16.06 0.06
C THR A 375 -18.04 15.07 0.51
N TYR A 376 -18.85 15.46 1.48
CA TYR A 376 -20.04 14.68 1.88
C TYR A 376 -21.02 14.56 0.69
N ASP A 377 -21.19 15.61 -0.14
CA ASP A 377 -22.00 15.60 -1.39
C ASP A 377 -21.52 14.49 -2.32
N GLN A 378 -20.23 14.36 -2.51
CA GLN A 378 -19.70 13.29 -3.42
C GLN A 378 -19.97 11.91 -2.81
N ILE A 379 -19.73 11.73 -1.51
CA ILE A 379 -19.93 10.41 -0.87
C ILE A 379 -21.43 10.06 -1.04
N ASP A 380 -22.32 11.03 -0.82
CA ASP A 380 -23.79 10.79 -0.88
C ASP A 380 -24.16 10.36 -2.31
N GLU A 381 -23.64 11.04 -3.32
CA GLU A 381 -23.96 10.74 -4.74
CA GLU A 381 -23.96 10.75 -4.75
C GLU A 381 -23.52 9.31 -5.06
N ALA A 382 -22.30 8.93 -4.67
CA ALA A 382 -21.75 7.59 -4.93
C ALA A 382 -22.59 6.51 -4.23
N ILE A 383 -22.89 6.66 -2.95
CA ILE A 383 -23.72 5.67 -2.19
C ILE A 383 -25.11 5.58 -2.84
N GLU A 384 -25.69 6.69 -3.29
CA GLU A 384 -27.04 6.71 -3.95
C GLU A 384 -26.97 5.82 -5.21
N LYS A 385 -25.94 6.05 -6.02
CA LYS A 385 -25.71 5.23 -7.24
C LYS A 385 -25.41 3.78 -6.86
N MET A 386 -24.72 3.51 -5.75
CA MET A 386 -24.33 2.13 -5.36
C MET A 386 -25.60 1.41 -4.92
N VAL A 387 -26.51 2.10 -4.24
CA VAL A 387 -27.81 1.48 -3.84
C VAL A 387 -28.57 1.10 -5.12
N LYS A 388 -28.64 2.00 -6.10
CA LYS A 388 -29.39 1.74 -7.37
C LYS A 388 -28.75 0.54 -8.08
N VAL A 389 -27.42 0.51 -8.21
CA VAL A 389 -26.75 -0.57 -8.98
C VAL A 389 -26.86 -1.88 -8.22
N PHE A 390 -26.77 -1.89 -6.89
CA PHE A 390 -26.95 -3.13 -6.09
C PHE A 390 -28.37 -3.67 -6.33
N LYS A 391 -29.35 -2.77 -6.44
CA LYS A 391 -30.77 -3.17 -6.67
C LYS A 391 -30.84 -3.81 -8.06
N GLN A 392 -30.34 -3.12 -9.09
CA GLN A 392 -30.40 -3.63 -10.49
C GLN A 392 -29.71 -5.00 -10.58
N ALA A 393 -28.62 -5.21 -9.84
CA ALA A 393 -27.77 -6.43 -9.93
C ALA A 393 -28.35 -7.56 -9.07
N GLU A 394 -29.31 -7.28 -8.19
CA GLU A 394 -30.02 -8.26 -7.30
C GLU A 394 -29.02 -9.02 -6.38
N VAL A 395 -28.38 -8.34 -5.41
CA VAL A 395 -27.34 -8.93 -4.52
C VAL A 395 -27.91 -9.09 -3.09
#